data_3Q4Z
#
_entry.id   3Q4Z
#
_cell.length_a   62.988
_cell.length_b   79.996
_cell.length_c   65.664
_cell.angle_alpha   90.00
_cell.angle_beta   107.51
_cell.angle_gamma   90.00
#
_symmetry.space_group_name_H-M   'P 1 21 1'
#
loop_
_entity.id
_entity.type
_entity.pdbx_description
1 polymer 'Serine/threonine-protein kinase PAK 1'
2 non-polymer 'MAGNESIUM ION'
3 non-polymer 'PHOSPHOAMINOPHOSPHONIC ACID-ADENYLATE ESTER'
4 water water
#
_entity_poly.entity_id   1
_entity_poly.type   'polypeptide(L)'
_entity_poly.pdbx_seq_one_letter_code
;MSDEEILEKLRIIVSVGDPKKKYTRFEKIGQGASGTVYTAMDVATGQEVAIRQMNLQQQPKKELIINEILVMRENKNPNI
VNYLDSYLVGDELWVVMEYLAGGSLTDVVTETCMDEGQIAAVCRECLQALEFLHSNQVIHRNIKSDNILLGMDGSVKLTD
FGFCAQITPEQSKRSTMVGTPYWMAPEVVTRKAYGPKVDIWSLGIMAIEMIEGEPPYLNENPLRALYLIATNGTPELQNP
EKLSAIFRDFLNRCLEMDVEKRGSAKELIQHQFLKIAKPLSSLTPLIAAAKEATKNNHLEHHHHHH
;
_entity_poly.pdbx_strand_id   A,B
#
# COMPACT_ATOMS: atom_id res chain seq x y z
N GLU A 4 -2.29 -17.17 -11.04
CA GLU A 4 -2.51 -17.56 -12.43
C GLU A 4 -4.00 -17.56 -12.73
N GLU A 5 -4.76 -18.29 -11.91
CA GLU A 5 -6.20 -18.41 -12.08
C GLU A 5 -6.86 -17.05 -12.00
N ILE A 6 -6.55 -16.32 -10.93
CA ILE A 6 -7.16 -15.01 -10.69
C ILE A 6 -6.82 -14.01 -11.79
N LEU A 7 -5.62 -14.12 -12.35
CA LEU A 7 -5.22 -13.20 -13.42
C LEU A 7 -5.92 -13.55 -14.73
N GLU A 8 -6.25 -14.81 -14.92
CA GLU A 8 -7.02 -15.20 -16.09
C GLU A 8 -8.46 -14.73 -15.93
N LYS A 9 -8.99 -14.86 -14.72
CA LYS A 9 -10.31 -14.34 -14.41
C LYS A 9 -10.36 -12.83 -14.67
N LEU A 10 -9.34 -12.12 -14.21
CA LEU A 10 -9.26 -10.69 -14.45
C LEU A 10 -9.23 -10.44 -15.95
N ARG A 11 -8.35 -11.16 -16.63
CA ARG A 11 -8.24 -11.05 -18.08
C ARG A 11 -9.61 -11.22 -18.75
N ILE A 12 -10.42 -12.13 -18.23
CA ILE A 12 -11.69 -12.45 -18.87
C ILE A 12 -12.77 -11.39 -18.68
N ILE A 13 -12.64 -10.60 -17.62
CA ILE A 13 -13.55 -9.48 -17.38
C ILE A 13 -13.24 -8.34 -18.32
N VAL A 14 -11.95 -8.12 -18.52
CA VAL A 14 -11.45 -6.99 -19.29
C VAL A 14 -11.93 -7.00 -20.74
N SER A 15 -12.17 -5.81 -21.28
CA SER A 15 -12.45 -5.64 -22.70
C SER A 15 -11.12 -5.71 -23.44
N VAL A 16 -11.10 -6.42 -24.56
CA VAL A 16 -9.97 -6.31 -25.47
C VAL A 16 -10.41 -5.50 -26.66
N GLY A 17 -10.40 -4.18 -26.48
CA GLY A 17 -10.71 -3.24 -27.53
C GLY A 17 -9.63 -2.17 -27.49
N ASP A 18 -9.73 -1.20 -28.40
CA ASP A 18 -8.69 -0.16 -28.45
C ASP A 18 -9.05 1.05 -27.61
N PRO A 19 -8.29 1.27 -26.53
CA PRO A 19 -8.40 2.48 -25.73
C PRO A 19 -7.92 3.68 -26.53
N LYS A 20 -7.07 3.39 -27.53
CA LYS A 20 -6.50 4.41 -28.41
C LYS A 20 -5.26 5.04 -27.78
N PHE A 26 -4.14 12.46 -22.89
CA PHE A 26 -3.99 11.71 -21.64
C PHE A 26 -3.78 12.66 -20.48
N GLU A 27 -4.80 13.47 -20.19
CA GLU A 27 -4.73 14.40 -19.07
C GLU A 27 -4.51 13.65 -17.75
N LYS A 28 -4.18 14.40 -16.71
CA LYS A 28 -3.87 13.81 -15.41
C LYS A 28 -4.73 14.48 -14.34
N ILE A 29 -5.19 13.71 -13.36
CA ILE A 29 -5.92 14.28 -12.25
C ILE A 29 -5.02 14.33 -11.02
N GLY A 30 -4.36 13.19 -10.77
CA GLY A 30 -3.53 13.03 -9.59
C GLY A 30 -3.13 11.58 -9.48
N GLN A 31 -1.94 11.34 -8.95
CA GLN A 31 -1.41 9.99 -8.84
C GLN A 31 -1.53 9.50 -7.41
N GLY A 32 -2.35 8.47 -7.22
CA GLY A 32 -2.50 7.89 -5.91
C GLY A 32 -1.54 6.73 -5.74
N ALA A 33 -1.82 5.88 -4.76
CA ALA A 33 -1.16 4.60 -4.66
C ALA A 33 -2.15 3.56 -5.16
N SER A 34 -1.62 2.46 -5.70
CA SER A 34 -2.45 1.35 -6.17
C SER A 34 -3.55 1.75 -7.16
N GLY A 35 -3.18 2.35 -8.29
CA GLY A 35 -1.82 2.78 -8.55
C GLY A 35 -1.83 4.29 -8.68
N THR A 36 -1.63 4.78 -9.91
CA THR A 36 -1.73 6.21 -10.17
C THR A 36 -2.87 6.50 -11.15
N VAL A 37 -3.55 7.63 -10.94
CA VAL A 37 -4.77 7.96 -11.68
C VAL A 37 -4.59 9.11 -12.68
N TYR A 38 -5.39 9.12 -13.75
CA TYR A 38 -5.27 10.12 -14.82
C TYR A 38 -6.62 10.58 -15.37
N THR A 39 -6.63 11.75 -16.03
CA THR A 39 -7.82 12.28 -16.70
C THR A 39 -7.80 12.02 -18.21
N ALA A 40 -8.96 12.02 -18.83
CA ALA A 40 -9.06 11.87 -20.28
C ALA A 40 -10.51 12.05 -20.74
N MET A 41 -10.79 11.64 -21.98
CA MET A 41 -12.13 11.80 -22.54
C MET A 41 -12.30 10.99 -23.83
N ASP A 42 -13.55 10.74 -24.20
CA ASP A 42 -13.88 10.07 -25.46
C ASP A 42 -15.37 10.21 -25.75
N GLN A 47 -18.61 13.48 -23.72
CA GLN A 47 -18.58 12.84 -22.41
C GLN A 47 -17.20 12.89 -21.76
N GLU A 48 -17.12 13.49 -20.58
CA GLU A 48 -15.87 13.61 -19.84
C GLU A 48 -15.62 12.40 -18.94
N VAL A 49 -14.42 11.84 -19.04
CA VAL A 49 -14.12 10.54 -18.43
C VAL A 49 -12.83 10.53 -17.59
N ALA A 50 -12.80 9.72 -16.53
CA ALA A 50 -11.61 9.56 -15.69
C ALA A 50 -11.05 8.14 -15.75
N ILE A 51 -9.73 8.01 -15.94
CA ILE A 51 -9.11 6.70 -16.14
C ILE A 51 -8.02 6.40 -15.11
N ARG A 52 -8.00 5.16 -14.64
CA ARG A 52 -6.95 4.72 -13.72
C ARG A 52 -6.04 3.69 -14.36
N GLN A 53 -4.75 3.75 -14.05
CA GLN A 53 -3.80 2.75 -14.52
C GLN A 53 -3.07 2.15 -13.32
N MET A 54 -2.78 0.86 -13.40
CA MET A 54 -1.98 0.18 -12.37
C MET A 54 -1.35 -1.06 -12.98
N ASN A 55 -0.20 -1.48 -12.49
CA ASN A 55 0.48 -2.65 -13.05
C ASN A 55 0.84 -3.74 -12.05
N LEU A 56 -0.14 -4.12 -11.22
CA LEU A 56 0.04 -5.20 -10.25
C LEU A 56 1.40 -5.10 -9.54
N LYS A 62 -5.17 -7.97 -8.30
CA LYS A 62 -5.61 -9.20 -7.64
C LYS A 62 -7.13 -9.22 -7.54
N GLU A 63 -7.64 -10.03 -6.61
CA GLU A 63 -9.08 -10.16 -6.41
C GLU A 63 -9.76 -8.84 -6.04
N LEU A 64 -9.06 -7.96 -5.32
CA LEU A 64 -9.65 -6.69 -4.93
C LEU A 64 -10.08 -5.90 -6.17
N ILE A 65 -9.22 -5.92 -7.18
CA ILE A 65 -9.53 -5.31 -8.48
C ILE A 65 -10.74 -5.98 -9.13
N ILE A 66 -10.73 -7.31 -9.13
CA ILE A 66 -11.81 -8.08 -9.72
C ILE A 66 -13.11 -7.76 -9.02
N ASN A 67 -13.07 -7.84 -7.69
CA ASN A 67 -14.21 -7.49 -6.83
C ASN A 67 -14.73 -6.10 -7.17
N GLU A 68 -13.83 -5.12 -7.15
CA GLU A 68 -14.23 -3.75 -7.43
C GLU A 68 -14.92 -3.65 -8.78
N ILE A 69 -14.31 -4.23 -9.80
CA ILE A 69 -14.87 -4.18 -11.14
C ILE A 69 -16.24 -4.83 -11.17
N LEU A 70 -16.32 -6.08 -10.73
CA LEU A 70 -17.58 -6.83 -10.75
C LEU A 70 -18.66 -6.16 -9.91
N VAL A 71 -18.33 -5.75 -8.70
CA VAL A 71 -19.32 -5.11 -7.84
C VAL A 71 -19.79 -3.80 -8.45
N MET A 72 -18.86 -3.01 -8.99
CA MET A 72 -19.25 -1.76 -9.63
C MET A 72 -20.13 -1.99 -10.86
N ARG A 73 -19.76 -2.97 -11.67
CA ARG A 73 -20.53 -3.31 -12.86
C ARG A 73 -21.98 -3.60 -12.51
N GLU A 74 -22.16 -4.33 -11.41
CA GLU A 74 -23.46 -4.92 -11.08
C GLU A 74 -24.30 -4.06 -10.16
N ASN A 75 -23.79 -2.89 -9.80
CA ASN A 75 -24.46 -2.06 -8.82
C ASN A 75 -24.40 -0.59 -9.23
N LYS A 76 -24.96 -0.28 -10.40
CA LYS A 76 -24.94 1.09 -10.87
C LYS A 76 -26.09 1.86 -10.23
N ASN A 77 -25.85 3.14 -9.94
CA ASN A 77 -26.76 3.93 -9.14
C ASN A 77 -26.31 5.38 -9.22
N PRO A 78 -27.24 6.34 -9.19
CA PRO A 78 -26.84 7.74 -9.40
C PRO A 78 -25.91 8.27 -8.29
N ASN A 79 -25.88 7.60 -7.15
CA ASN A 79 -25.00 8.02 -6.05
C ASN A 79 -23.74 7.18 -5.96
N ILE A 80 -23.44 6.46 -7.02
CA ILE A 80 -22.22 5.69 -7.08
C ILE A 80 -21.45 6.04 -8.32
N VAL A 81 -20.16 6.23 -8.21
CA VAL A 81 -19.34 6.62 -9.34
C VAL A 81 -19.39 5.58 -10.47
N ASN A 82 -19.80 5.99 -11.67
CA ASN A 82 -20.03 5.09 -12.79
C ASN A 82 -18.83 4.38 -13.31
N TYR A 83 -18.86 3.07 -13.25
CA TYR A 83 -17.83 2.29 -13.91
C TYR A 83 -18.16 2.20 -15.39
N LEU A 84 -17.16 2.37 -16.23
CA LEU A 84 -17.36 2.34 -17.68
C LEU A 84 -16.77 1.10 -18.31
N ASP A 85 -15.45 1.05 -18.43
CA ASP A 85 -14.80 -0.14 -18.95
C ASP A 85 -13.46 -0.40 -18.28
N SER A 86 -12.81 -1.48 -18.69
CA SER A 86 -11.47 -1.77 -18.25
C SER A 86 -10.70 -2.42 -19.40
N TYR A 87 -9.41 -2.13 -19.50
CA TYR A 87 -8.57 -2.72 -20.52
C TYR A 87 -7.23 -3.07 -19.88
N LEU A 88 -6.74 -4.28 -20.13
CA LEU A 88 -5.53 -4.75 -19.50
C LEU A 88 -4.49 -4.93 -20.57
N VAL A 89 -3.25 -4.61 -20.22
CA VAL A 89 -2.14 -4.67 -21.14
C VAL A 89 -1.00 -5.53 -20.59
N GLY A 90 -1.35 -6.41 -19.66
CA GLY A 90 -0.35 -7.26 -19.05
C GLY A 90 0.44 -6.17 -18.41
N ASP A 91 1.46 -6.46 -17.64
CA ASP A 91 2.14 -5.29 -17.21
C ASP A 91 1.04 -4.49 -16.55
N GLU A 92 0.75 -3.35 -17.14
CA GLU A 92 -0.22 -2.40 -16.60
C GLU A 92 -1.67 -2.87 -16.81
N LEU A 93 -2.57 -2.33 -16.00
CA LEU A 93 -4.00 -2.62 -16.06
C LEU A 93 -4.75 -1.30 -15.96
N TRP A 94 -5.84 -1.17 -16.71
CA TRP A 94 -6.57 0.09 -16.78
C TRP A 94 -8.03 -0.06 -16.38
N VAL A 95 -8.53 0.94 -15.65
CA VAL A 95 -9.93 0.99 -15.22
C VAL A 95 -10.52 2.37 -15.55
N VAL A 96 -11.64 2.38 -16.28
CA VAL A 96 -12.23 3.63 -16.76
C VAL A 96 -13.55 3.98 -16.08
N MET A 97 -13.58 5.12 -15.40
N MET A 97 -13.58 5.15 -15.46
CA MET A 97 -14.77 5.58 -14.69
CA MET A 97 -14.73 5.60 -14.69
C MET A 97 -15.18 6.97 -15.14
C MET A 97 -15.13 7.02 -15.08
N GLU A 98 -16.32 7.44 -14.67
CA GLU A 98 -16.77 8.80 -14.95
C GLU A 98 -15.92 9.78 -14.16
N TYR A 99 -15.72 10.99 -14.70
CA TYR A 99 -14.93 12.05 -14.04
C TYR A 99 -15.83 12.91 -13.23
N LEU A 100 -15.43 13.13 -11.99
CA LEU A 100 -16.12 14.07 -11.13
C LEU A 100 -15.13 15.16 -10.83
N ALA A 101 -15.45 16.35 -11.25
CA ALA A 101 -14.47 17.42 -11.24
C ALA A 101 -14.45 18.23 -9.98
N GLY A 102 -15.38 17.96 -9.08
CA GLY A 102 -15.48 18.68 -7.83
C GLY A 102 -14.58 18.16 -6.72
N GLY A 103 -13.76 17.17 -7.02
CA GLY A 103 -12.81 16.64 -6.05
C GLY A 103 -13.49 15.76 -4.99
N SER A 104 -12.81 15.58 -3.86
CA SER A 104 -13.28 14.67 -2.83
C SER A 104 -13.90 15.40 -1.66
N LEU A 105 -14.75 14.73 -0.89
CA LEU A 105 -15.28 15.34 0.32
C LEU A 105 -14.13 15.65 1.31
N THR A 106 -13.04 14.90 1.24
CA THR A 106 -11.89 15.17 2.11
C THR A 106 -11.34 16.59 1.96
N ASP A 107 -11.19 17.05 0.73
CA ASP A 107 -10.75 18.43 0.47
C ASP A 107 -11.68 19.43 1.12
N VAL A 108 -12.98 19.19 1.02
CA VAL A 108 -13.97 20.07 1.67
C VAL A 108 -13.93 20.03 3.20
N VAL A 109 -13.90 18.85 3.83
CA VAL A 109 -13.98 18.84 5.30
C VAL A 109 -12.71 19.38 5.91
N THR A 110 -11.66 19.30 5.13
CA THR A 110 -10.33 19.56 5.62
C THR A 110 -10.02 21.06 5.45
N GLU A 111 -10.75 21.73 4.57
CA GLU A 111 -10.42 23.13 4.25
C GLU A 111 -11.56 24.13 4.41
N THR A 112 -12.75 23.64 4.75
CA THR A 112 -13.91 24.52 4.87
C THR A 112 -14.75 24.16 6.08
N CYS A 113 -15.66 25.07 6.45
CA CYS A 113 -16.63 24.79 7.49
C CYS A 113 -17.96 24.59 6.85
N MET A 114 -18.59 23.46 7.13
CA MET A 114 -19.88 23.13 6.53
C MET A 114 -20.98 23.46 7.53
N ASP A 115 -22.10 23.99 7.05
CA ASP A 115 -23.26 24.19 7.91
C ASP A 115 -24.13 22.93 7.94
N GLU A 116 -25.05 22.86 8.90
CA GLU A 116 -25.82 21.64 9.10
C GLU A 116 -26.66 21.29 7.87
N GLY A 117 -27.06 22.31 7.13
CA GLY A 117 -27.82 22.09 5.89
C GLY A 117 -26.98 21.45 4.79
N GLN A 118 -25.71 21.83 4.70
CA GLN A 118 -24.81 21.24 3.72
C GLN A 118 -24.45 19.82 4.15
N ILE A 119 -24.28 19.62 5.46
CA ILE A 119 -23.96 18.30 6.00
C ILE A 119 -25.12 17.33 5.78
N ALA A 120 -26.32 17.74 6.14
CA ALA A 120 -27.52 16.92 5.90
C ALA A 120 -27.66 16.50 4.43
N ALA A 121 -27.34 17.43 3.52
CA ALA A 121 -27.42 17.12 2.09
C ALA A 121 -26.47 15.97 1.72
N VAL A 122 -25.24 16.03 2.20
CA VAL A 122 -24.27 14.99 1.89
C VAL A 122 -24.67 13.66 2.52
N CYS A 123 -25.07 13.73 3.78
CA CYS A 123 -25.53 12.54 4.48
C CYS A 123 -26.68 11.88 3.72
N ARG A 124 -27.63 12.69 3.26
CA ARG A 124 -28.76 12.12 2.52
C ARG A 124 -28.31 11.36 1.28
N GLU A 125 -27.41 11.96 0.50
CA GLU A 125 -26.96 11.35 -0.75
C GLU A 125 -26.20 10.07 -0.44
N CYS A 126 -25.36 10.10 0.58
CA CYS A 126 -24.61 8.90 0.98
C CYS A 126 -25.53 7.79 1.45
N LEU A 127 -26.54 8.16 2.22
CA LEU A 127 -27.50 7.17 2.71
C LEU A 127 -28.26 6.54 1.56
N GLN A 128 -28.49 7.30 0.51
CA GLN A 128 -29.18 6.76 -0.66
C GLN A 128 -28.31 5.70 -1.31
N ALA A 129 -27.01 5.97 -1.43
CA ALA A 129 -26.11 4.95 -1.98
C ALA A 129 -26.10 3.70 -1.13
N LEU A 130 -26.09 3.87 0.19
CA LEU A 130 -26.00 2.74 1.12
C LEU A 130 -27.27 1.90 1.17
N GLU A 131 -28.42 2.57 1.15
CA GLU A 131 -29.67 1.82 1.13
C GLU A 131 -29.73 0.94 -0.12
N PHE A 132 -29.29 1.50 -1.26
CA PHE A 132 -29.20 0.73 -2.49
C PHE A 132 -28.24 -0.46 -2.37
N LEU A 133 -27.04 -0.22 -1.86
CA LEU A 133 -26.04 -1.28 -1.76
C LEU A 133 -26.52 -2.35 -0.79
N HIS A 134 -27.00 -1.93 0.37
CA HIS A 134 -27.42 -2.88 1.39
C HIS A 134 -28.58 -3.75 0.91
N SER A 135 -29.44 -3.17 0.08
CA SER A 135 -30.55 -3.91 -0.51
C SER A 135 -30.04 -4.93 -1.51
N ASN A 136 -28.89 -4.66 -2.11
CA ASN A 136 -28.25 -5.62 -3.01
C ASN A 136 -27.26 -6.54 -2.30
N GLN A 137 -27.37 -6.63 -0.97
CA GLN A 137 -26.50 -7.51 -0.19
C GLN A 137 -25.03 -7.14 -0.29
N VAL A 138 -24.73 -5.85 -0.50
CA VAL A 138 -23.36 -5.41 -0.59
C VAL A 138 -23.01 -4.51 0.59
N ILE A 139 -21.95 -4.85 1.34
CA ILE A 139 -21.45 -3.96 2.38
C ILE A 139 -20.20 -3.29 1.86
N HIS A 140 -20.12 -1.96 1.94
CA HIS A 140 -18.98 -1.23 1.40
C HIS A 140 -17.70 -1.44 2.23
N ARG A 141 -17.83 -1.29 3.55
CA ARG A 141 -16.74 -1.43 4.52
C ARG A 141 -15.60 -0.42 4.47
N ASN A 142 -15.62 0.50 3.51
CA ASN A 142 -14.58 1.54 3.49
C ASN A 142 -15.15 2.97 3.28
N ILE A 143 -16.28 3.24 3.91
CA ILE A 143 -16.88 4.58 3.87
C ILE A 143 -16.00 5.58 4.62
N LYS A 144 -15.63 6.67 3.96
CA LYS A 144 -14.86 7.75 4.56
C LYS A 144 -14.90 8.90 3.56
N SER A 145 -14.58 10.10 4.00
CA SER A 145 -14.71 11.27 3.10
C SER A 145 -13.86 11.13 1.83
N ASP A 146 -12.74 10.42 1.94
CA ASP A 146 -11.81 10.23 0.80
C ASP A 146 -12.50 9.47 -0.33
N ASN A 147 -13.52 8.70 0.01
CA ASN A 147 -14.23 7.87 -0.97
C ASN A 147 -15.58 8.45 -1.39
N ILE A 148 -15.79 9.72 -1.06
CA ILE A 148 -16.95 10.44 -1.56
C ILE A 148 -16.44 11.48 -2.55
N LEU A 149 -16.86 11.35 -3.80
CA LEU A 149 -16.45 12.32 -4.84
C LEU A 149 -17.59 13.25 -5.15
N LEU A 150 -17.25 14.44 -5.63
CA LEU A 150 -18.23 15.51 -5.80
C LEU A 150 -18.20 16.00 -7.24
N GLY A 151 -19.39 16.20 -7.80
CA GLY A 151 -19.50 16.76 -9.13
C GLY A 151 -19.49 18.28 -9.10
N MET A 152 -19.25 18.91 -10.25
CA MET A 152 -19.25 20.37 -10.31
C MET A 152 -20.62 20.96 -10.02
N ASP A 153 -21.66 20.14 -10.09
CA ASP A 153 -23.01 20.60 -9.79
C ASP A 153 -23.42 20.21 -8.37
N GLY A 154 -22.48 19.71 -7.59
CA GLY A 154 -22.76 19.37 -6.21
C GLY A 154 -23.24 17.94 -6.05
N SER A 155 -23.15 17.17 -7.14
CA SER A 155 -23.40 15.73 -7.08
C SER A 155 -22.50 15.09 -6.06
N VAL A 156 -23.00 14.03 -5.41
CA VAL A 156 -22.26 13.36 -4.35
C VAL A 156 -22.27 11.89 -4.68
N LYS A 157 -21.09 11.30 -4.91
CA LYS A 157 -21.03 9.91 -5.33
C LYS A 157 -19.97 9.09 -4.57
N LEU A 158 -20.32 7.85 -4.30
CA LEU A 158 -19.46 6.93 -3.54
C LEU A 158 -18.58 6.16 -4.49
N THR A 159 -17.32 5.94 -4.14
CA THR A 159 -16.43 5.04 -4.87
C THR A 159 -15.74 4.05 -3.97
N ASP A 160 -14.70 3.47 -4.53
CA ASP A 160 -13.80 2.54 -3.87
C ASP A 160 -14.43 1.28 -3.35
N PHE A 161 -14.77 0.38 -4.27
CA PHE A 161 -15.40 -0.88 -3.93
C PHE A 161 -14.47 -2.07 -3.72
N GLY A 162 -13.18 -1.85 -3.58
CA GLY A 162 -12.20 -2.91 -3.41
C GLY A 162 -12.40 -3.78 -2.18
N PHE A 163 -12.96 -3.22 -1.11
CA PHE A 163 -13.07 -3.93 0.15
C PHE A 163 -14.51 -4.34 0.48
N CYS A 164 -15.42 -4.17 -0.47
CA CYS A 164 -16.81 -4.49 -0.22
C CYS A 164 -17.00 -6.00 -0.01
N ALA A 165 -18.06 -6.36 0.68
CA ALA A 165 -18.35 -7.76 0.99
C ALA A 165 -19.71 -8.06 0.40
N GLN A 166 -19.83 -9.19 -0.28
CA GLN A 166 -21.14 -9.59 -0.76
C GLN A 166 -21.68 -10.65 0.19
N ILE A 167 -22.80 -10.34 0.83
CA ILE A 167 -23.37 -11.28 1.78
C ILE A 167 -24.54 -12.08 1.20
N THR A 168 -24.93 -13.13 1.93
CA THR A 168 -26.06 -13.96 1.56
C THR A 168 -26.78 -14.39 2.83
N PRO A 169 -28.05 -14.82 2.71
CA PRO A 169 -28.75 -15.38 3.85
C PRO A 169 -27.98 -16.58 4.39
N GLU A 170 -27.30 -17.28 3.48
CA GLU A 170 -26.40 -18.38 3.81
C GLU A 170 -25.30 -17.89 4.75
N GLN A 171 -24.61 -16.84 4.32
CA GLN A 171 -23.58 -16.21 5.13
C GLN A 171 -23.80 -14.69 5.16
N SER A 172 -24.49 -14.23 6.19
CA SER A 172 -24.96 -12.84 6.23
C SER A 172 -24.03 -11.92 6.99
N LYS A 173 -22.99 -12.48 7.60
CA LYS A 173 -22.07 -11.65 8.37
C LYS A 173 -20.60 -11.89 8.01
N ARG A 174 -19.74 -10.95 8.39
CA ARG A 174 -18.30 -11.13 8.23
C ARG A 174 -17.64 -10.92 9.59
N SER A 175 -16.36 -11.26 9.71
CA SER A 175 -15.68 -11.13 10.99
C SER A 175 -14.26 -10.60 10.85
N THR A 176 -13.89 -10.21 9.63
CA THR A 176 -12.54 -9.77 9.35
C THR A 176 -12.35 -8.26 9.57
N MET A 177 -11.14 -7.89 10.00
CA MET A 177 -10.79 -6.49 10.23
C MET A 177 -10.54 -5.83 8.89
N VAL A 178 -11.59 -5.31 8.28
CA VAL A 178 -11.43 -4.70 6.96
C VAL A 178 -11.90 -3.24 7.05
N GLY A 179 -11.22 -2.34 6.35
CA GLY A 179 -11.59 -0.92 6.40
C GLY A 179 -10.40 -0.03 6.66
N THR A 180 -10.66 1.21 7.12
CA THR A 180 -9.58 2.12 7.46
C THR A 180 -9.83 2.43 8.94
N PRO A 181 -8.80 2.21 9.77
CA PRO A 181 -8.95 2.19 11.23
C PRO A 181 -9.87 3.26 11.80
N TYR A 182 -9.66 4.52 11.44
CA TYR A 182 -10.37 5.61 12.14
C TYR A 182 -11.87 5.59 11.91
N TRP A 183 -12.30 4.93 10.83
CA TRP A 183 -13.73 4.87 10.45
C TRP A 183 -14.38 3.51 10.75
N MET A 184 -13.60 2.57 11.28
CA MET A 184 -14.13 1.22 11.47
C MET A 184 -15.02 1.08 12.70
N ALA A 185 -16.10 0.33 12.57
CA ALA A 185 -17.00 0.13 13.69
C ALA A 185 -16.36 -0.82 14.70
N PRO A 186 -16.74 -0.68 15.97
CA PRO A 186 -16.16 -1.45 17.08
C PRO A 186 -16.29 -2.96 16.83
N GLU A 187 -17.45 -3.39 16.34
CA GLU A 187 -17.66 -4.80 16.10
C GLU A 187 -16.73 -5.32 14.99
N VAL A 188 -16.25 -4.42 14.14
CA VAL A 188 -15.32 -4.78 13.12
C VAL A 188 -13.94 -4.87 13.70
N VAL A 189 -13.54 -3.87 14.46
CA VAL A 189 -12.20 -3.91 15.00
C VAL A 189 -11.95 -5.05 15.99
N THR A 190 -13.00 -5.55 16.60
CA THR A 190 -12.88 -6.60 17.58
C THR A 190 -13.28 -7.92 16.98
N ARG A 191 -13.44 -7.95 15.66
CA ARG A 191 -13.63 -9.20 14.93
C ARG A 191 -14.87 -9.96 15.40
N LYS A 192 -15.96 -9.25 15.62
CA LYS A 192 -17.24 -9.90 15.89
C LYS A 192 -18.01 -10.10 14.59
N ALA A 193 -19.05 -10.92 14.61
CA ALA A 193 -19.89 -11.08 13.44
C ALA A 193 -20.59 -9.75 13.17
N TYR A 194 -20.46 -9.24 11.95
CA TYR A 194 -21.01 -7.93 11.64
C TYR A 194 -21.72 -7.88 10.31
N GLY A 195 -22.44 -6.78 10.07
CA GLY A 195 -23.27 -6.67 8.88
C GLY A 195 -23.26 -5.27 8.31
N PRO A 196 -24.28 -4.96 7.50
CA PRO A 196 -24.29 -3.72 6.71
C PRO A 196 -24.19 -2.45 7.57
N LYS A 197 -24.55 -2.56 8.83
CA LYS A 197 -24.63 -1.37 9.67
C LYS A 197 -23.25 -0.87 10.04
N VAL A 198 -22.21 -1.62 9.65
CA VAL A 198 -20.86 -1.12 9.82
C VAL A 198 -20.67 0.11 8.95
N ASP A 199 -21.40 0.14 7.84
CA ASP A 199 -21.33 1.29 6.94
C ASP A 199 -21.99 2.51 7.57
N ILE A 200 -23.00 2.28 8.40
CA ILE A 200 -23.71 3.36 9.08
C ILE A 200 -22.81 3.98 10.14
N TRP A 201 -22.08 3.14 10.85
CA TRP A 201 -21.04 3.65 11.76
C TRP A 201 -20.05 4.53 11.01
N SER A 202 -19.46 4.00 9.93
CA SER A 202 -18.50 4.78 9.16
C SER A 202 -19.10 6.10 8.65
N LEU A 203 -20.39 6.08 8.29
CA LEU A 203 -21.05 7.32 7.88
C LEU A 203 -21.09 8.32 9.04
N GLY A 204 -21.39 7.84 10.25
CA GLY A 204 -21.36 8.70 11.43
C GLY A 204 -20.00 9.33 11.67
N ILE A 205 -18.93 8.53 11.50
CA ILE A 205 -17.59 9.06 11.60
C ILE A 205 -17.33 10.13 10.52
N MET A 206 -17.86 9.91 9.31
CA MET A 206 -17.72 10.89 8.24
C MET A 206 -18.47 12.20 8.58
N ALA A 207 -19.59 12.07 9.28
CA ALA A 207 -20.29 13.23 9.82
C ALA A 207 -19.44 13.99 10.84
N ILE A 208 -18.70 13.26 11.68
CA ILE A 208 -17.75 13.91 12.57
C ILE A 208 -16.65 14.65 11.81
N GLU A 209 -16.16 14.05 10.72
CA GLU A 209 -15.24 14.76 9.84
C GLU A 209 -15.87 16.06 9.37
N MET A 210 -17.14 16.00 9.00
CA MET A 210 -17.81 17.20 8.49
C MET A 210 -17.96 18.29 9.56
N ILE A 211 -17.99 17.88 10.82
CA ILE A 211 -18.14 18.83 11.93
C ILE A 211 -16.80 19.39 12.41
N GLU A 212 -15.84 18.49 12.55
CA GLU A 212 -14.59 18.77 13.25
C GLU A 212 -13.38 18.81 12.33
N GLY A 213 -13.54 18.30 11.11
CA GLY A 213 -12.44 18.32 10.14
C GLY A 213 -11.69 17.00 10.00
N GLU A 214 -11.82 16.14 10.99
CA GLU A 214 -11.04 14.90 11.07
C GLU A 214 -11.91 13.88 11.79
N PRO A 215 -11.69 12.59 11.52
CA PRO A 215 -12.32 11.55 12.32
C PRO A 215 -11.65 11.55 13.69
N PRO A 216 -12.29 10.95 14.69
CA PRO A 216 -11.67 10.87 16.02
C PRO A 216 -10.35 10.14 15.99
N TYR A 217 -9.42 10.54 16.87
CA TYR A 217 -8.13 9.86 17.05
C TYR A 217 -7.14 9.99 15.89
N LEU A 218 -7.40 10.88 14.93
CA LEU A 218 -6.54 10.95 13.75
C LEU A 218 -5.08 11.26 14.11
N ASN A 219 -4.88 11.95 15.22
CA ASN A 219 -3.51 12.28 15.61
C ASN A 219 -2.77 11.05 16.16
N GLU A 220 -3.50 10.00 16.51
CA GLU A 220 -2.91 8.76 17.01
C GLU A 220 -2.49 7.86 15.86
N ASN A 221 -1.55 6.94 16.12
CA ASN A 221 -1.19 5.97 15.09
C ASN A 221 -2.35 5.00 14.87
N PRO A 222 -2.43 4.40 13.67
CA PRO A 222 -3.59 3.58 13.34
C PRO A 222 -3.92 2.48 14.38
N LEU A 223 -2.90 1.89 15.01
CA LEU A 223 -3.15 0.84 15.99
C LEU A 223 -3.65 1.40 17.31
N ARG A 224 -3.11 2.54 17.71
CA ARG A 224 -3.63 3.25 18.86
C ARG A 224 -5.11 3.54 18.64
N ALA A 225 -5.46 3.97 17.43
CA ALA A 225 -6.86 4.28 17.13
C ALA A 225 -7.76 3.04 17.26
N LEU A 226 -7.33 1.91 16.69
CA LEU A 226 -8.04 0.64 16.84
C LEU A 226 -8.31 0.31 18.33
N TYR A 227 -7.27 0.43 19.15
CA TYR A 227 -7.45 0.19 20.58
C TYR A 227 -8.49 1.16 21.16
N LEU A 228 -8.35 2.43 20.86
CA LEU A 228 -9.26 3.44 21.39
C LEU A 228 -10.71 3.19 20.95
N ILE A 229 -10.90 2.84 19.68
CA ILE A 229 -12.23 2.46 19.22
C ILE A 229 -12.74 1.22 19.96
N ALA A 230 -11.87 0.23 20.13
CA ALA A 230 -12.28 -1.00 20.79
C ALA A 230 -12.66 -0.75 22.24
N THR A 231 -12.03 0.24 22.86
CA THR A 231 -12.20 0.49 24.28
C THR A 231 -13.23 1.57 24.60
N ASN A 232 -13.21 2.64 23.81
CA ASN A 232 -14.10 3.78 24.03
C ASN A 232 -15.54 3.57 23.53
N GLY A 233 -15.68 2.83 22.43
CA GLY A 233 -16.99 2.65 21.83
C GLY A 233 -17.41 3.92 21.11
N THR A 234 -18.62 4.41 21.39
CA THR A 234 -19.10 5.65 20.78
C THR A 234 -18.18 6.82 21.10
N PRO A 235 -17.65 7.48 20.06
CA PRO A 235 -16.67 8.56 20.24
C PRO A 235 -17.34 9.84 20.70
N GLU A 236 -16.60 10.68 21.40
CA GLU A 236 -17.15 11.94 21.88
C GLU A 236 -16.76 13.13 20.99
N LEU A 237 -17.69 14.07 20.82
CA LEU A 237 -17.41 15.32 20.13
C LEU A 237 -16.60 16.25 21.04
N GLN A 238 -15.82 17.14 20.42
CA GLN A 238 -15.05 18.13 21.17
C GLN A 238 -15.97 19.20 21.73
N ASN A 239 -17.01 19.54 20.97
CA ASN A 239 -17.93 20.59 21.35
C ASN A 239 -19.35 20.23 20.97
N PRO A 240 -19.95 19.28 21.69
CA PRO A 240 -21.29 18.78 21.37
C PRO A 240 -22.30 19.91 21.42
N GLU A 241 -22.02 20.90 22.26
CA GLU A 241 -22.94 22.02 22.47
C GLU A 241 -23.13 22.87 21.21
N LYS A 242 -22.24 22.71 20.24
CA LYS A 242 -22.36 23.50 19.01
C LYS A 242 -23.35 22.89 18.02
N LEU A 243 -23.81 21.68 18.32
CA LEU A 243 -24.71 20.96 17.41
C LEU A 243 -26.18 21.14 17.77
N SER A 244 -27.05 21.19 16.76
CA SER A 244 -28.48 21.14 16.99
C SER A 244 -28.90 19.80 17.60
N ALA A 245 -30.00 19.79 18.33
CA ALA A 245 -30.47 18.58 19.01
C ALA A 245 -30.81 17.49 18.00
N ILE A 246 -31.33 17.91 16.85
CA ILE A 246 -31.71 16.98 15.80
C ILE A 246 -30.47 16.34 15.15
N PHE A 247 -29.47 17.15 14.85
CA PHE A 247 -28.21 16.65 14.31
C PHE A 247 -27.55 15.72 15.31
N ARG A 248 -27.51 16.14 16.56
CA ARG A 248 -26.96 15.32 17.62
C ARG A 248 -27.66 13.97 17.70
N ASP A 249 -28.97 13.95 17.48
CA ASP A 249 -29.72 12.71 17.53
C ASP A 249 -29.36 11.79 16.37
N PHE A 250 -29.22 12.38 15.20
CA PHE A 250 -28.83 11.64 14.01
C PHE A 250 -27.47 10.97 14.24
N LEU A 251 -26.53 11.74 14.76
CA LEU A 251 -25.21 11.20 15.05
C LEU A 251 -25.30 10.06 16.03
N ASN A 252 -26.11 10.24 17.09
CA ASN A 252 -26.29 9.19 18.08
C ASN A 252 -26.81 7.90 17.46
N ARG A 253 -27.74 8.03 16.52
CA ARG A 253 -28.30 6.86 15.84
C ARG A 253 -27.28 6.19 14.92
N CYS A 254 -26.38 6.98 14.32
CA CYS A 254 -25.33 6.41 13.46
C CYS A 254 -24.29 5.65 14.26
N LEU A 255 -24.03 6.13 15.48
CA LEU A 255 -22.89 5.68 16.26
C LEU A 255 -23.28 4.93 17.53
N GLU A 256 -24.43 4.32 17.54
CA GLU A 256 -24.84 3.49 18.64
C GLU A 256 -23.98 2.23 18.74
N MET A 257 -23.57 1.87 19.95
CA MET A 257 -22.78 0.66 20.17
C MET A 257 -23.60 -0.59 19.93
N ASP A 258 -24.89 -0.51 20.24
CA ASP A 258 -25.79 -1.65 20.05
C ASP A 258 -26.25 -1.70 18.60
N VAL A 259 -25.74 -2.70 17.87
CA VAL A 259 -26.03 -2.82 16.45
C VAL A 259 -27.54 -2.75 16.17
N GLU A 260 -28.32 -3.43 17.01
CA GLU A 260 -29.77 -3.45 16.87
C GLU A 260 -30.40 -2.08 17.02
N LYS A 261 -29.82 -1.25 17.89
CA LYS A 261 -30.32 0.10 18.09
C LYS A 261 -29.84 1.04 17.00
N ARG A 262 -28.65 0.76 16.45
CA ARG A 262 -28.09 1.57 15.38
C ARG A 262 -29.05 1.55 14.20
N GLY A 263 -29.16 2.68 13.50
CA GLY A 263 -30.10 2.79 12.40
C GLY A 263 -29.63 2.03 11.17
N SER A 264 -30.58 1.54 10.37
CA SER A 264 -30.26 1.00 9.05
C SER A 264 -30.23 2.19 8.10
N ALA A 265 -29.80 1.99 6.86
CA ALA A 265 -29.81 3.09 5.91
C ALA A 265 -31.25 3.50 5.61
N LYS A 266 -32.12 2.51 5.49
CA LYS A 266 -33.53 2.77 5.18
C LYS A 266 -34.16 3.65 6.25
N GLU A 267 -33.99 3.25 7.50
CA GLU A 267 -34.48 4.01 8.65
C GLU A 267 -33.96 5.44 8.70
N LEU A 268 -32.65 5.61 8.49
CA LEU A 268 -32.03 6.94 8.67
C LEU A 268 -32.41 7.91 7.56
N ILE A 269 -32.80 7.36 6.42
CA ILE A 269 -33.26 8.20 5.32
C ILE A 269 -34.51 8.99 5.74
N GLN A 270 -35.23 8.45 6.71
CA GLN A 270 -36.43 9.12 7.23
C GLN A 270 -36.15 10.07 8.40
N HIS A 271 -34.90 10.12 8.87
CA HIS A 271 -34.58 10.92 10.05
C HIS A 271 -34.81 12.42 9.83
N GLN A 272 -35.26 13.11 10.87
CA GLN A 272 -35.61 14.53 10.76
C GLN A 272 -34.45 15.43 10.35
N PHE A 273 -33.22 15.03 10.68
CA PHE A 273 -32.05 15.82 10.35
C PHE A 273 -31.94 16.05 8.86
N LEU A 274 -32.30 15.03 8.07
CA LEU A 274 -32.19 15.12 6.62
C LEU A 274 -33.19 16.12 6.05
N LYS A 275 -34.23 16.42 6.82
CA LYS A 275 -35.29 17.32 6.36
C LYS A 275 -34.77 18.74 6.24
N ILE A 276 -33.59 19.00 6.81
CA ILE A 276 -33.07 20.36 6.75
C ILE A 276 -32.00 20.49 5.67
N ALA A 277 -31.78 19.40 4.95
CA ALA A 277 -30.77 19.40 3.89
C ALA A 277 -31.03 20.55 2.96
N LYS A 278 -29.97 21.22 2.56
CA LYS A 278 -30.05 22.23 1.53
C LYS A 278 -29.96 21.56 0.16
N PRO A 279 -30.31 22.29 -0.90
CA PRO A 279 -30.13 21.89 -2.30
C PRO A 279 -28.68 21.53 -2.54
N LEU A 280 -28.41 20.57 -3.43
CA LEU A 280 -27.03 20.19 -3.72
C LEU A 280 -26.22 21.35 -4.29
N SER A 281 -26.90 22.34 -4.85
CA SER A 281 -26.19 23.53 -5.32
C SER A 281 -25.43 24.22 -4.19
N SER A 282 -25.89 24.03 -2.96
CA SER A 282 -25.25 24.68 -1.80
C SER A 282 -23.83 24.15 -1.54
N LEU A 283 -23.45 23.10 -2.26
CA LEU A 283 -22.15 22.47 -2.05
C LEU A 283 -21.08 23.06 -2.96
N THR A 284 -21.49 23.69 -4.06
CA THR A 284 -20.51 24.20 -5.01
C THR A 284 -19.62 25.32 -4.42
N PRO A 285 -20.16 26.14 -3.51
CA PRO A 285 -19.22 27.10 -2.92
C PRO A 285 -18.18 26.43 -2.02
N LEU A 286 -18.52 25.31 -1.41
CA LEU A 286 -17.53 24.51 -0.67
C LEU A 286 -16.45 23.96 -1.61
N ILE A 287 -16.88 23.41 -2.74
CA ILE A 287 -15.95 22.95 -3.76
C ILE A 287 -14.99 24.06 -4.18
N ALA A 288 -15.54 25.24 -4.45
CA ALA A 288 -14.70 26.36 -4.85
C ALA A 288 -13.67 26.69 -3.77
N ALA A 289 -14.12 26.71 -2.51
CA ALA A 289 -13.23 27.06 -1.41
C ALA A 289 -12.12 26.03 -1.28
N ALA A 290 -12.50 24.76 -1.32
CA ALA A 290 -11.54 23.67 -1.26
C ALA A 290 -10.49 23.80 -2.36
N LYS A 291 -10.94 24.08 -3.59
CA LYS A 291 -10.02 24.28 -4.71
C LYS A 291 -9.02 25.41 -4.43
N GLU A 292 -9.53 26.53 -3.97
CA GLU A 292 -8.68 27.67 -3.68
C GLU A 292 -7.71 27.35 -2.54
N ALA A 293 -8.20 26.64 -1.51
CA ALA A 293 -7.35 26.27 -0.38
C ALA A 293 -6.19 25.43 -0.89
N THR A 294 -6.52 24.41 -1.67
CA THR A 294 -5.50 23.51 -2.21
C THR A 294 -4.39 24.29 -2.93
N LYS A 295 -4.80 25.23 -3.78
CA LYS A 295 -3.88 26.16 -4.41
C LYS A 295 -3.04 26.92 -3.38
N ASN A 296 -3.69 27.35 -2.30
CA ASN A 296 -2.98 27.98 -1.18
C ASN A 296 -1.91 27.05 -0.58
N ASN A 297 -2.29 25.80 -0.38
CA ASN A 297 -1.40 24.81 0.23
C ASN A 297 -0.14 24.56 -0.61
N HIS A 298 -0.32 24.50 -1.92
CA HIS A 298 0.80 24.22 -2.82
C HIS A 298 1.78 25.39 -2.92
N LEU A 299 1.32 26.60 -2.62
CA LEU A 299 2.21 27.75 -2.60
C LEU A 299 2.33 28.32 -1.22
N ASP B 3 17.80 24.19 -11.62
CA ASP B 3 18.29 23.26 -12.63
C ASP B 3 19.81 23.26 -12.74
N GLU B 4 20.43 24.36 -12.32
CA GLU B 4 21.89 24.49 -12.40
C GLU B 4 22.62 23.48 -11.53
N GLU B 5 22.43 23.57 -10.22
CA GLU B 5 23.03 22.63 -9.28
C GLU B 5 22.75 21.21 -9.75
N ILE B 6 21.50 20.98 -10.15
CA ILE B 6 21.04 19.65 -10.55
C ILE B 6 21.90 19.10 -11.68
N LEU B 7 21.92 19.80 -12.81
CA LEU B 7 22.72 19.40 -13.96
C LEU B 7 24.20 19.21 -13.65
N GLU B 8 24.83 20.28 -13.17
CA GLU B 8 26.27 20.32 -13.02
C GLU B 8 26.83 19.11 -12.26
N LYS B 9 26.17 18.74 -11.17
CA LYS B 9 26.60 17.60 -10.38
C LYS B 9 26.52 16.31 -11.21
N LEU B 10 25.44 16.19 -11.99
CA LEU B 10 25.28 15.07 -12.90
C LEU B 10 26.49 15.00 -13.81
N ARG B 11 26.73 16.09 -14.53
CA ARG B 11 27.75 16.12 -15.58
C ARG B 11 29.17 15.87 -15.07
N ILE B 12 29.38 16.03 -13.78
CA ILE B 12 30.65 15.63 -13.17
C ILE B 12 30.78 14.12 -13.24
N ILE B 13 29.73 13.43 -12.83
CA ILE B 13 29.78 11.98 -12.68
C ILE B 13 29.29 11.25 -13.94
N VAL B 14 28.20 11.73 -14.52
CA VAL B 14 27.63 11.11 -15.71
C VAL B 14 28.67 11.00 -16.81
N SER B 15 28.67 9.86 -17.51
CA SER B 15 29.66 9.62 -18.56
C SER B 15 29.21 10.17 -19.90
N VAL B 16 30.18 10.47 -20.75
CA VAL B 16 29.91 10.88 -22.12
C VAL B 16 29.71 9.63 -22.97
N GLY B 17 29.01 9.77 -24.09
CA GLY B 17 28.79 8.64 -24.98
C GLY B 17 27.31 8.37 -25.17
N ASP B 18 27.01 7.41 -26.02
CA ASP B 18 25.64 7.05 -26.35
C ASP B 18 25.34 5.65 -25.79
N PRO B 19 24.55 5.57 -24.72
CA PRO B 19 24.30 4.26 -24.07
C PRO B 19 23.55 3.34 -25.02
N LYS B 20 22.92 3.91 -26.04
CA LYS B 20 22.17 3.12 -27.00
C LYS B 20 23.09 2.27 -27.87
N LYS B 21 24.35 2.66 -27.96
CA LYS B 21 25.31 1.88 -28.71
C LYS B 21 26.15 0.97 -27.81
N LYS B 22 26.22 1.29 -26.53
CA LYS B 22 27.06 0.55 -25.59
C LYS B 22 26.34 -0.68 -25.01
N TYR B 23 25.03 -0.71 -25.16
CA TYR B 23 24.20 -1.78 -24.61
C TYR B 23 23.21 -2.33 -25.65
N THR B 24 22.91 -3.63 -25.55
CA THR B 24 21.90 -4.25 -26.41
C THR B 24 20.96 -5.17 -25.63
N ARG B 25 19.95 -5.70 -26.32
CA ARG B 25 19.03 -6.69 -25.75
C ARG B 25 18.25 -6.17 -24.56
N PHE B 26 17.68 -4.98 -24.71
CA PHE B 26 16.90 -4.36 -23.65
C PHE B 26 15.62 -5.14 -23.40
N GLU B 27 15.25 -5.26 -22.13
CA GLU B 27 14.04 -5.96 -21.75
C GLU B 27 13.47 -5.34 -20.46
N LYS B 28 12.20 -4.92 -20.51
CA LYS B 28 11.57 -4.29 -19.37
C LYS B 28 11.48 -5.26 -18.19
N ILE B 29 11.71 -4.75 -16.99
CA ILE B 29 11.52 -5.54 -15.77
C ILE B 29 10.88 -4.70 -14.67
N GLY B 30 11.02 -3.39 -14.79
CA GLY B 30 10.38 -2.46 -13.87
C GLY B 30 9.42 -1.57 -14.65
N GLN B 31 8.30 -1.16 -14.08
CA GLN B 31 7.93 -1.25 -12.68
C GLN B 31 8.48 -0.05 -11.92
N GLY B 32 9.11 0.84 -12.66
CA GLY B 32 9.39 2.16 -12.17
C GLY B 32 7.98 2.63 -12.04
N ALA B 33 7.64 3.43 -11.04
CA ALA B 33 8.57 4.28 -10.29
C ALA B 33 9.66 3.63 -9.46
N SER B 34 10.77 4.32 -9.51
CA SER B 34 10.72 5.54 -10.27
C SER B 34 11.58 5.39 -11.51
N GLY B 35 10.99 5.70 -12.64
CA GLY B 35 11.59 5.45 -13.95
C GLY B 35 11.27 4.06 -14.43
N THR B 36 11.76 3.70 -15.61
CA THR B 36 11.54 2.36 -16.16
C THR B 36 12.85 1.57 -16.09
N VAL B 37 12.78 0.32 -15.63
CA VAL B 37 13.99 -0.48 -15.48
C VAL B 37 14.09 -1.61 -16.50
N TYR B 38 15.19 -1.62 -17.25
CA TYR B 38 15.45 -2.66 -18.24
C TYR B 38 16.67 -3.48 -17.85
N THR B 39 16.69 -4.74 -18.27
CA THR B 39 17.94 -5.48 -18.32
C THR B 39 18.49 -5.30 -19.73
N ALA B 40 19.81 -5.44 -19.87
CA ALA B 40 20.50 -5.23 -21.14
C ALA B 40 21.89 -5.81 -21.01
N MET B 41 22.64 -5.83 -22.10
CA MET B 41 23.97 -6.41 -22.11
C MET B 41 25.01 -5.43 -22.66
N ASP B 42 26.12 -5.28 -21.94
CA ASP B 42 27.23 -4.46 -22.40
C ASP B 42 27.80 -5.09 -23.68
N VAL B 43 27.80 -4.35 -24.80
CA VAL B 43 28.21 -4.96 -26.07
C VAL B 43 29.72 -5.17 -26.16
N ALA B 44 30.46 -4.50 -25.28
CA ALA B 44 31.91 -4.66 -25.29
C ALA B 44 32.39 -5.77 -24.36
N THR B 45 31.67 -6.02 -23.27
CA THR B 45 32.14 -7.00 -22.27
C THR B 45 31.21 -8.19 -22.05
N GLY B 46 29.97 -8.10 -22.51
CA GLY B 46 29.03 -9.17 -22.29
C GLY B 46 28.42 -9.16 -20.89
N GLN B 47 28.81 -8.19 -20.06
CA GLN B 47 28.21 -8.04 -18.73
C GLN B 47 26.73 -7.73 -18.85
N GLU B 48 25.89 -8.43 -18.10
CA GLU B 48 24.48 -8.10 -18.07
C GLU B 48 24.22 -7.10 -16.95
N VAL B 49 23.43 -6.07 -17.24
CA VAL B 49 23.23 -4.98 -16.31
C VAL B 49 21.76 -4.68 -16.19
N ALA B 50 21.41 -3.84 -15.22
CA ALA B 50 20.06 -3.29 -15.15
C ALA B 50 20.13 -1.78 -15.37
N ILE B 51 19.24 -1.26 -16.20
CA ILE B 51 19.23 0.17 -16.52
C ILE B 51 17.90 0.82 -16.17
N ARG B 52 17.94 1.83 -15.31
CA ARG B 52 16.72 2.59 -15.03
C ARG B 52 16.72 3.92 -15.78
N GLN B 53 15.66 4.13 -16.57
CA GLN B 53 15.51 5.35 -17.35
C GLN B 53 14.40 6.17 -16.72
N MET B 54 14.69 7.43 -16.42
CA MET B 54 13.70 8.27 -15.73
C MET B 54 13.80 9.74 -16.16
N ASN B 55 12.64 10.35 -16.39
CA ASN B 55 12.51 11.78 -16.65
C ASN B 55 11.50 12.08 -17.75
N PRO B 60 9.64 14.53 -12.59
CA PRO B 60 10.94 15.08 -12.17
C PRO B 60 10.78 16.26 -11.23
N LYS B 61 9.94 16.15 -10.20
CA LYS B 61 9.69 17.32 -9.41
C LYS B 61 10.98 17.81 -8.84
N LYS B 62 11.73 16.89 -8.26
CA LYS B 62 13.07 17.13 -7.76
C LYS B 62 13.64 15.79 -7.31
N GLU B 63 14.90 15.75 -6.94
CA GLU B 63 15.36 14.61 -6.17
C GLU B 63 16.68 14.70 -5.41
N LEU B 64 16.89 13.71 -4.56
CA LEU B 64 18.20 13.45 -3.99
C LEU B 64 18.99 12.64 -5.01
N ILE B 65 18.33 12.32 -6.13
CA ILE B 65 18.92 11.40 -7.11
C ILE B 65 20.42 11.58 -7.23
N ILE B 66 20.82 12.82 -7.47
CA ILE B 66 22.21 13.14 -7.71
C ILE B 66 23.08 12.75 -6.53
N ASN B 67 22.61 13.01 -5.31
CA ASN B 67 23.37 12.65 -4.14
C ASN B 67 23.48 11.14 -3.94
N GLU B 68 22.37 10.43 -4.05
CA GLU B 68 22.42 8.98 -3.92
C GLU B 68 23.41 8.43 -4.94
N ILE B 69 23.22 8.83 -6.18
CA ILE B 69 24.10 8.44 -7.27
C ILE B 69 25.55 8.66 -6.90
N LEU B 70 25.83 9.84 -6.35
CA LEU B 70 27.17 10.20 -5.91
C LEU B 70 27.63 9.28 -4.79
N VAL B 71 26.73 9.04 -3.85
CA VAL B 71 27.02 8.19 -2.70
C VAL B 71 27.28 6.75 -3.12
N MET B 72 26.51 6.27 -4.09
CA MET B 72 26.65 4.86 -4.46
C MET B 72 27.83 4.66 -5.41
N ARG B 73 28.25 5.72 -6.08
CA ARG B 73 29.45 5.61 -6.90
C ARG B 73 30.68 5.58 -6.01
N GLU B 74 30.60 6.28 -4.88
CA GLU B 74 31.71 6.35 -3.95
C GLU B 74 31.73 5.16 -3.01
N ASN B 75 30.54 4.61 -2.75
CA ASN B 75 30.40 3.53 -1.78
C ASN B 75 29.76 2.27 -2.37
N LYS B 76 30.59 1.32 -2.72
CA LYS B 76 30.12 0.05 -3.27
C LYS B 76 30.42 -1.07 -2.29
N ASN B 77 29.80 -2.23 -2.53
CA ASN B 77 29.97 -3.40 -1.68
C ASN B 77 29.52 -4.62 -2.47
N PRO B 78 30.23 -5.73 -2.33
CA PRO B 78 29.91 -6.92 -3.11
C PRO B 78 28.49 -7.47 -2.88
N ASN B 79 27.89 -7.14 -1.73
CA ASN B 79 26.58 -7.72 -1.38
C ASN B 79 25.38 -6.82 -1.64
N ILE B 80 25.58 -5.78 -2.43
CA ILE B 80 24.49 -4.98 -2.92
C ILE B 80 24.65 -4.84 -4.41
N VAL B 81 23.60 -4.53 -5.14
CA VAL B 81 23.78 -4.21 -6.52
C VAL B 81 24.26 -2.78 -6.64
N ASN B 82 25.42 -2.63 -7.24
CA ASN B 82 26.17 -1.42 -7.23
C ASN B 82 25.90 -0.56 -8.43
N TYR B 83 26.06 0.73 -8.25
CA TYR B 83 26.07 1.67 -9.36
C TYR B 83 27.22 1.33 -10.29
N LEU B 84 26.96 1.34 -11.60
CA LEU B 84 27.99 1.13 -12.61
C LEU B 84 28.33 2.42 -13.37
N ASP B 85 27.31 3.08 -13.93
CA ASP B 85 27.51 4.26 -14.78
C ASP B 85 26.18 4.99 -14.95
N SER B 86 26.21 6.18 -15.54
CA SER B 86 24.98 6.93 -15.81
C SER B 86 25.11 7.77 -17.07
N TYR B 87 23.98 8.16 -17.63
CA TYR B 87 23.96 8.89 -18.90
C TYR B 87 22.74 9.79 -18.96
N LEU B 88 22.91 11.01 -19.44
CA LEU B 88 21.78 11.87 -19.73
C LEU B 88 21.36 11.61 -21.18
N VAL B 89 20.17 11.04 -21.36
CA VAL B 89 19.70 10.70 -22.70
C VAL B 89 18.44 11.49 -23.06
N GLY B 90 18.62 12.61 -23.75
CA GLY B 90 17.52 13.47 -24.14
C GLY B 90 16.74 13.95 -22.93
N ASP B 91 15.42 13.79 -22.96
CA ASP B 91 14.60 14.20 -21.82
C ASP B 91 14.57 13.06 -20.79
N GLU B 92 15.70 12.38 -20.66
CA GLU B 92 15.80 11.23 -19.75
C GLU B 92 17.17 11.09 -19.08
N LEU B 93 17.17 10.43 -17.94
CA LEU B 93 18.40 10.05 -17.26
C LEU B 93 18.45 8.53 -17.26
N TRP B 94 19.60 7.94 -17.60
CA TRP B 94 19.81 6.49 -17.49
C TRP B 94 20.83 6.14 -16.42
N VAL B 95 20.43 5.32 -15.46
CA VAL B 95 21.37 4.82 -14.44
C VAL B 95 21.63 3.33 -14.66
N VAL B 96 22.89 2.97 -14.83
CA VAL B 96 23.24 1.57 -15.10
C VAL B 96 23.75 0.87 -13.85
N MET B 97 23.11 -0.22 -13.47
CA MET B 97 23.55 -0.91 -12.27
C MET B 97 23.83 -2.37 -12.55
N GLU B 98 24.53 -3.02 -11.62
CA GLU B 98 24.84 -4.43 -11.74
C GLU B 98 23.56 -5.25 -11.82
N TYR B 99 23.66 -6.44 -12.39
CA TYR B 99 22.54 -7.37 -12.36
C TYR B 99 22.99 -8.81 -12.27
N LEU B 100 22.13 -9.66 -11.73
CA LEU B 100 22.44 -11.09 -11.59
C LEU B 100 21.36 -11.95 -12.23
N ALA B 101 21.76 -13.08 -12.78
CA ALA B 101 20.86 -13.88 -13.60
C ALA B 101 20.24 -15.08 -12.89
N GLY B 102 20.42 -15.19 -11.58
CA GLY B 102 19.93 -16.35 -10.85
C GLY B 102 18.56 -16.20 -10.21
N GLY B 103 17.86 -15.12 -10.53
CA GLY B 103 16.53 -14.87 -9.99
C GLY B 103 16.52 -14.43 -8.54
N SER B 104 15.33 -14.44 -7.93
CA SER B 104 15.13 -13.90 -6.59
C SER B 104 15.17 -14.99 -5.55
N LEU B 105 15.40 -14.60 -4.30
CA LEU B 105 15.33 -15.56 -3.22
C LEU B 105 13.92 -16.11 -3.07
N THR B 106 12.91 -15.33 -3.39
CA THR B 106 11.56 -15.85 -3.16
C THR B 106 11.19 -17.05 -4.07
N ASP B 107 11.75 -17.09 -5.28
CA ASP B 107 11.58 -18.26 -6.15
C ASP B 107 12.26 -19.50 -5.56
N VAL B 108 13.43 -19.29 -4.97
CA VAL B 108 14.14 -20.39 -4.31
C VAL B 108 13.34 -20.85 -3.10
N VAL B 109 12.83 -19.90 -2.33
CA VAL B 109 12.08 -20.22 -1.13
C VAL B 109 10.78 -20.97 -1.47
N THR B 110 10.18 -20.60 -2.60
CA THR B 110 8.89 -21.14 -3.01
C THR B 110 8.99 -22.55 -3.58
N GLU B 111 10.09 -22.83 -4.26
CA GLU B 111 10.18 -24.07 -5.04
C GLU B 111 11.14 -25.14 -4.51
N THR B 112 11.85 -24.82 -3.43
CA THR B 112 12.83 -25.71 -2.85
C THR B 112 12.64 -25.70 -1.35
N CYS B 113 13.31 -26.59 -0.67
CA CYS B 113 13.39 -26.58 0.75
C CYS B 113 14.85 -26.33 1.12
N MET B 114 15.20 -25.14 1.58
CA MET B 114 16.56 -24.81 1.96
C MET B 114 16.92 -25.52 3.28
N ASP B 115 18.16 -25.96 3.41
CA ASP B 115 18.62 -26.49 4.68
C ASP B 115 19.28 -25.38 5.49
N GLU B 116 19.61 -25.67 6.75
CA GLU B 116 20.08 -24.61 7.64
C GLU B 116 21.41 -24.01 7.20
N GLY B 117 22.28 -24.85 6.64
CA GLY B 117 23.53 -24.39 6.08
C GLY B 117 23.37 -23.39 4.93
N GLN B 118 22.36 -23.60 4.10
CA GLN B 118 22.11 -22.69 2.98
C GLN B 118 21.51 -21.40 3.49
N ILE B 119 20.60 -21.52 4.46
CA ILE B 119 19.96 -20.35 5.03
C ILE B 119 21.01 -19.50 5.73
N ALA B 120 21.90 -20.14 6.46
CA ALA B 120 22.99 -19.42 7.13
C ALA B 120 23.89 -18.70 6.11
N ALA B 121 24.20 -19.35 4.99
CA ALA B 121 24.99 -18.69 3.95
C ALA B 121 24.28 -17.43 3.46
N VAL B 122 22.98 -17.53 3.18
CA VAL B 122 22.24 -16.33 2.74
C VAL B 122 22.22 -15.24 3.82
N CYS B 123 21.92 -15.65 5.05
CA CYS B 123 21.87 -14.68 6.16
C CYS B 123 23.20 -13.96 6.33
N ARG B 124 24.31 -14.69 6.16
CA ARG B 124 25.62 -14.06 6.32
C ARG B 124 25.87 -13.01 5.23
N GLU B 125 25.58 -13.36 3.98
CA GLU B 125 25.74 -12.40 2.89
C GLU B 125 24.90 -11.14 3.14
N CYS B 126 23.66 -11.33 3.57
CA CYS B 126 22.77 -10.18 3.83
C CYS B 126 23.28 -9.31 4.96
N LEU B 127 23.80 -9.94 6.00
CA LEU B 127 24.34 -9.19 7.14
C LEU B 127 25.57 -8.40 6.72
N GLN B 128 26.36 -8.94 5.81
CA GLN B 128 27.50 -8.19 5.30
C GLN B 128 27.04 -6.92 4.56
N ALA B 129 25.96 -7.05 3.78
CA ALA B 129 25.37 -5.90 3.10
C ALA B 129 24.85 -4.91 4.12
N LEU B 130 24.16 -5.42 5.14
CA LEU B 130 23.56 -4.55 6.15
C LEU B 130 24.60 -3.82 7.01
N GLU B 131 25.66 -4.52 7.41
CA GLU B 131 26.70 -3.83 8.18
C GLU B 131 27.26 -2.66 7.38
N PHE B 132 27.45 -2.89 6.08
CA PHE B 132 27.94 -1.85 5.18
C PHE B 132 26.95 -0.70 5.09
N LEU B 133 25.70 -1.02 4.80
CA LEU B 133 24.70 0.04 4.63
C LEU B 133 24.52 0.83 5.92
N HIS B 134 24.47 0.11 7.04
CA HIS B 134 24.24 0.79 8.31
C HIS B 134 25.40 1.70 8.72
N SER B 135 26.62 1.34 8.30
CA SER B 135 27.78 2.16 8.61
C SER B 135 27.76 3.44 7.78
N ASN B 136 27.00 3.42 6.70
CA ASN B 136 26.80 4.61 5.88
C ASN B 136 25.46 5.28 6.13
N GLN B 137 24.88 5.03 7.31
CA GLN B 137 23.63 5.70 7.66
C GLN B 137 22.50 5.46 6.65
N VAL B 138 22.52 4.30 6.00
CA VAL B 138 21.44 3.93 5.12
C VAL B 138 20.62 2.85 5.79
N ILE B 139 19.30 3.00 5.79
CA ILE B 139 18.41 1.94 6.26
C ILE B 139 17.71 1.39 5.03
N HIS B 140 17.78 0.09 4.82
CA HIS B 140 17.13 -0.47 3.66
C HIS B 140 15.63 -0.38 3.68
N ARG B 141 15.01 -0.80 4.76
CA ARG B 141 13.56 -0.72 5.01
C ARG B 141 12.70 -1.81 4.33
N ASN B 142 13.29 -2.50 3.39
CA ASN B 142 12.57 -3.49 2.64
C ASN B 142 13.36 -4.79 2.48
N ILE B 143 13.95 -5.26 3.55
CA ILE B 143 14.64 -6.55 3.55
C ILE B 143 13.60 -7.65 3.43
N LYS B 144 13.47 -8.20 2.24
CA LYS B 144 12.54 -9.29 2.01
C LYS B 144 12.99 -10.10 0.82
N SER B 145 12.50 -11.33 0.72
CA SER B 145 13.02 -12.26 -0.28
C SER B 145 12.97 -11.74 -1.73
N ASP B 146 11.93 -10.98 -2.08
CA ASP B 146 11.81 -10.35 -3.42
C ASP B 146 13.00 -9.44 -3.76
N ASN B 147 13.66 -8.93 -2.73
CA ASN B 147 14.74 -7.96 -2.89
C ASN B 147 16.13 -8.55 -2.70
N ILE B 148 16.21 -9.87 -2.67
CA ILE B 148 17.49 -10.54 -2.67
C ILE B 148 17.71 -11.14 -4.05
N LEU B 149 18.78 -10.74 -4.73
CA LEU B 149 19.08 -11.24 -6.07
C LEU B 149 20.20 -12.28 -6.01
N LEU B 150 20.05 -13.39 -6.74
CA LEU B 150 21.07 -14.42 -6.67
C LEU B 150 21.85 -14.52 -7.97
N GLY B 151 23.14 -14.84 -7.89
CA GLY B 151 23.93 -15.06 -9.07
C GLY B 151 24.05 -16.54 -9.42
N MET B 152 24.45 -16.83 -10.66
CA MET B 152 24.59 -18.21 -11.10
C MET B 152 25.74 -18.91 -10.41
N ASP B 153 26.61 -18.13 -9.78
CA ASP B 153 27.69 -18.70 -8.98
C ASP B 153 27.30 -18.74 -7.50
N GLY B 154 26.06 -18.35 -7.21
CA GLY B 154 25.59 -18.39 -5.85
C GLY B 154 25.79 -17.08 -5.10
N SER B 155 26.26 -16.06 -5.81
CA SER B 155 26.33 -14.69 -5.27
C SER B 155 25.00 -14.23 -4.71
N VAL B 156 25.07 -13.37 -3.69
CA VAL B 156 23.88 -12.85 -3.05
C VAL B 156 23.99 -11.33 -2.94
N LYS B 157 23.05 -10.61 -3.53
CA LYS B 157 23.05 -9.14 -3.42
C LYS B 157 21.70 -8.58 -3.01
N LEU B 158 21.72 -7.57 -2.14
CA LEU B 158 20.52 -6.82 -1.80
C LEU B 158 20.22 -5.84 -2.92
N THR B 159 18.94 -5.67 -3.25
CA THR B 159 18.53 -4.67 -4.22
C THR B 159 17.38 -3.81 -3.72
N ASP B 160 17.05 -2.78 -4.49
CA ASP B 160 15.89 -1.92 -4.24
C ASP B 160 15.86 -1.21 -2.89
N PHE B 161 16.87 -0.41 -2.61
CA PHE B 161 16.87 0.47 -1.45
C PHE B 161 17.32 1.88 -1.84
N GLN B 171 1.33 5.52 2.60
CA GLN B 171 1.90 5.72 3.94
C GLN B 171 0.99 6.59 4.81
N SER B 172 0.22 7.46 4.18
CA SER B 172 -0.73 8.30 4.88
C SER B 172 -1.55 7.49 5.88
N LYS B 173 -1.78 8.04 7.06
CA LYS B 173 -2.68 7.41 8.03
C LYS B 173 -4.08 7.19 7.47
N ARG B 174 -4.46 8.02 6.49
CA ARG B 174 -5.82 7.98 5.94
C ARG B 174 -5.99 6.94 4.88
N SER B 175 -4.88 6.47 4.34
CA SER B 175 -4.89 5.55 3.23
C SER B 175 -5.27 4.13 3.64
N THR B 176 -5.98 3.44 2.77
CA THR B 176 -6.33 2.06 3.04
C THR B 176 -5.16 1.16 2.75
N MET B 177 -4.88 0.24 3.66
CA MET B 177 -3.77 -0.68 3.49
C MET B 177 -4.15 -1.76 2.50
N VAL B 178 -3.27 -2.03 1.56
CA VAL B 178 -3.51 -3.06 0.55
C VAL B 178 -2.66 -4.31 0.78
N GLY B 179 -1.35 -4.16 0.70
CA GLY B 179 -0.49 -5.31 0.95
C GLY B 179 -0.33 -5.51 2.45
N THR B 180 0.10 -6.69 2.88
CA THR B 180 0.43 -6.92 4.28
C THR B 180 1.92 -6.73 4.50
N PRO B 181 2.29 -5.74 5.34
CA PRO B 181 3.69 -5.37 5.52
C PRO B 181 4.34 -6.35 6.48
N TYR B 182 4.44 -7.61 6.06
CA TYR B 182 4.84 -8.70 6.95
C TYR B 182 6.28 -8.59 7.47
N TRP B 183 7.13 -7.86 6.76
CA TRP B 183 8.54 -7.79 7.14
C TRP B 183 8.83 -6.66 8.12
N MET B 184 7.84 -5.81 8.37
CA MET B 184 8.06 -4.60 9.18
C MET B 184 8.14 -4.84 10.70
N ALA B 185 9.12 -4.17 11.31
CA ALA B 185 9.33 -4.23 12.77
C ALA B 185 8.21 -3.54 13.55
N PRO B 186 8.03 -3.94 14.83
CA PRO B 186 6.94 -3.36 15.64
C PRO B 186 7.05 -1.84 15.73
N GLU B 187 8.26 -1.31 15.87
CA GLU B 187 8.44 0.13 16.03
C GLU B 187 8.08 0.86 14.75
N VAL B 188 8.15 0.14 13.63
CA VAL B 188 7.79 0.70 12.33
C VAL B 188 6.27 0.75 12.17
N VAL B 189 5.60 -0.37 12.43
CA VAL B 189 4.15 -0.42 12.27
C VAL B 189 3.42 0.48 13.27
N THR B 190 4.02 0.70 14.44
CA THR B 190 3.43 1.62 15.42
C THR B 190 3.86 3.07 15.18
N ARG B 191 4.53 3.30 14.05
CA ARG B 191 4.92 4.63 13.60
C ARG B 191 5.79 5.40 14.60
N LYS B 192 6.65 4.69 15.29
CA LYS B 192 7.60 5.30 16.20
C LYS B 192 8.85 5.73 15.43
N ALA B 193 9.70 6.53 16.08
CA ALA B 193 11.00 6.83 15.49
C ALA B 193 11.74 5.52 15.43
N TYR B 194 12.48 5.28 14.35
CA TYR B 194 13.19 4.01 14.21
C TYR B 194 14.56 4.11 13.54
N GLY B 195 15.36 3.06 13.71
CA GLY B 195 16.74 3.06 13.25
C GLY B 195 17.07 1.82 12.42
N PRO B 196 18.36 1.60 12.16
CA PRO B 196 18.85 0.53 11.30
C PRO B 196 18.41 -0.87 11.75
N LYS B 197 18.15 -1.04 13.04
CA LYS B 197 17.77 -2.38 13.51
C LYS B 197 16.44 -2.87 12.94
N VAL B 198 15.69 -1.99 12.29
CA VAL B 198 14.48 -2.47 11.63
C VAL B 198 14.87 -3.46 10.52
N ASP B 199 16.08 -3.32 9.98
CA ASP B 199 16.51 -4.24 8.91
C ASP B 199 16.84 -5.62 9.47
N ILE B 200 17.28 -5.65 10.73
CA ILE B 200 17.63 -6.92 11.39
C ILE B 200 16.37 -7.70 11.70
N TRP B 201 15.32 -6.97 12.09
CA TRP B 201 14.01 -7.57 12.26
C TRP B 201 13.54 -8.21 10.95
N SER B 202 13.58 -7.45 9.86
CA SER B 202 13.11 -7.96 8.58
C SER B 202 13.96 -9.17 8.14
N LEU B 203 15.23 -9.19 8.52
CA LEU B 203 16.09 -10.32 8.19
C LEU B 203 15.60 -11.57 8.93
N GLY B 204 15.24 -11.40 10.20
CA GLY B 204 14.67 -12.48 10.99
C GLY B 204 13.42 -13.05 10.33
N ILE B 205 12.53 -12.16 9.91
CA ILE B 205 11.31 -12.56 9.22
C ILE B 205 11.66 -13.31 7.95
N MET B 206 12.66 -12.82 7.21
CA MET B 206 13.08 -13.48 5.98
C MET B 206 13.70 -14.88 6.24
N ALA B 207 14.40 -15.03 7.37
CA ALA B 207 14.93 -16.37 7.76
C ALA B 207 13.79 -17.32 8.09
N ILE B 208 12.75 -16.82 8.76
CA ILE B 208 11.56 -17.62 9.00
C ILE B 208 10.89 -18.02 7.67
N GLU B 209 10.77 -17.06 6.76
CA GLU B 209 10.26 -17.37 5.42
C GLU B 209 11.06 -18.47 4.73
N MET B 210 12.39 -18.43 4.82
CA MET B 210 13.22 -19.47 4.17
C MET B 210 12.96 -20.83 4.76
N ILE B 211 12.75 -20.91 6.06
CA ILE B 211 12.57 -22.25 6.64
C ILE B 211 11.13 -22.76 6.50
N GLU B 212 10.17 -21.85 6.48
CA GLU B 212 8.76 -22.24 6.37
C GLU B 212 8.28 -22.27 4.92
N GLY B 213 9.06 -21.64 4.04
CA GLY B 213 8.76 -21.64 2.62
C GLY B 213 7.74 -20.63 2.13
N GLU B 214 7.36 -19.71 3.01
CA GLU B 214 6.39 -18.68 2.67
C GLU B 214 6.45 -17.64 3.77
N PRO B 215 6.08 -16.40 3.45
CA PRO B 215 6.06 -15.34 4.45
C PRO B 215 4.98 -15.60 5.50
N PRO B 216 5.18 -15.05 6.71
CA PRO B 216 4.22 -15.11 7.82
C PRO B 216 2.97 -14.29 7.50
N TYR B 217 1.88 -14.55 8.22
CA TYR B 217 0.65 -13.78 8.09
C TYR B 217 -0.10 -14.01 6.79
N LEU B 218 0.28 -15.05 6.04
CA LEU B 218 -0.32 -15.29 4.73
C LEU B 218 -1.85 -15.39 4.83
N ASN B 219 -2.34 -15.92 5.95
CA ASN B 219 -3.79 -16.06 6.16
C ASN B 219 -4.45 -14.92 6.95
N GLU B 220 -3.85 -13.74 6.93
CA GLU B 220 -4.38 -12.61 7.70
C GLU B 220 -4.65 -11.37 6.85
N ASN B 221 -5.65 -10.58 7.24
CA ASN B 221 -5.84 -9.26 6.65
C ASN B 221 -4.69 -8.40 7.11
N PRO B 222 -4.35 -7.37 6.31
CA PRO B 222 -3.25 -6.47 6.66
C PRO B 222 -3.40 -5.89 8.06
N LEU B 223 -4.61 -5.50 8.45
CA LEU B 223 -4.81 -4.86 9.75
C LEU B 223 -4.60 -5.82 10.93
N ARG B 224 -5.07 -7.07 10.79
CA ARG B 224 -4.87 -8.06 11.84
C ARG B 224 -3.38 -8.35 11.97
N ALA B 225 -2.73 -8.52 10.81
CA ALA B 225 -1.29 -8.74 10.78
C ALA B 225 -0.60 -7.58 11.46
N LEU B 226 -1.02 -6.36 11.13
CA LEU B 226 -0.42 -5.18 11.71
C LEU B 226 -0.53 -5.22 13.23
N TYR B 227 -1.72 -5.59 13.72
CA TYR B 227 -1.95 -5.64 15.15
C TYR B 227 -1.07 -6.70 15.83
N LEU B 228 -0.94 -7.86 15.19
CA LEU B 228 -0.16 -8.95 15.77
C LEU B 228 1.32 -8.61 15.84
N ILE B 229 1.83 -7.94 14.81
CA ILE B 229 3.22 -7.54 14.78
C ILE B 229 3.52 -6.56 15.91
N ALA B 230 2.66 -5.57 16.06
CA ALA B 230 2.85 -4.56 17.11
C ALA B 230 2.73 -5.17 18.51
N THR B 231 1.82 -6.11 18.65
CA THR B 231 1.44 -6.63 19.95
C THR B 231 2.29 -7.81 20.38
N ASN B 232 2.40 -8.80 19.49
CA ASN B 232 3.08 -10.04 19.81
C ASN B 232 4.50 -10.11 19.25
N GLY B 233 4.81 -9.22 18.31
CA GLY B 233 6.14 -9.18 17.72
C GLY B 233 6.36 -10.27 16.69
N THR B 234 7.17 -11.27 17.06
CA THR B 234 7.46 -12.37 16.16
C THR B 234 6.20 -13.16 15.84
N PRO B 235 6.09 -13.60 14.58
CA PRO B 235 5.01 -14.51 14.21
C PRO B 235 5.19 -15.82 14.96
N GLU B 236 4.13 -16.57 15.13
CA GLU B 236 4.26 -17.88 15.72
C GLU B 236 4.95 -18.85 14.76
N LEU B 237 6.03 -19.46 15.22
CA LEU B 237 6.75 -20.42 14.41
C LEU B 237 5.81 -21.58 14.15
N GLN B 238 5.65 -21.96 12.90
CA GLN B 238 4.69 -22.99 12.58
C GLN B 238 5.09 -24.32 13.15
N ASN B 239 6.39 -24.58 13.19
CA ASN B 239 6.93 -25.86 13.64
C ASN B 239 8.29 -25.70 14.33
N PRO B 240 8.28 -25.10 15.52
CA PRO B 240 9.50 -24.79 16.28
C PRO B 240 10.42 -25.99 16.44
N GLU B 241 9.83 -27.19 16.59
CA GLU B 241 10.59 -28.41 16.83
C GLU B 241 11.64 -28.67 15.77
N LYS B 242 11.35 -28.24 14.54
CA LYS B 242 12.20 -28.53 13.40
C LYS B 242 13.55 -27.79 13.36
N LEU B 243 13.66 -26.70 14.12
CA LEU B 243 14.85 -25.84 14.03
C LEU B 243 15.91 -26.25 15.04
N SER B 244 17.17 -26.12 14.66
CA SER B 244 18.26 -26.39 15.58
C SER B 244 18.23 -25.33 16.66
N ALA B 245 18.85 -25.60 17.80
CA ALA B 245 18.91 -24.61 18.87
C ALA B 245 19.65 -23.37 18.41
N ILE B 246 20.70 -23.54 17.63
CA ILE B 246 21.51 -22.39 17.27
C ILE B 246 20.78 -21.49 16.24
N PHE B 247 20.03 -22.10 15.33
CA PHE B 247 19.20 -21.32 14.40
C PHE B 247 18.12 -20.58 15.20
N ARG B 248 17.48 -21.28 16.14
CA ARG B 248 16.46 -20.63 16.94
C ARG B 248 17.04 -19.47 17.75
N ASP B 249 18.27 -19.61 18.22
CA ASP B 249 18.90 -18.50 18.95
C ASP B 249 19.11 -17.29 18.05
N PHE B 250 19.60 -17.54 16.84
CA PHE B 250 19.79 -16.49 15.85
C PHE B 250 18.48 -15.74 15.57
N LEU B 251 17.40 -16.49 15.38
CA LEU B 251 16.09 -15.87 15.15
C LEU B 251 15.68 -15.02 16.34
N ASN B 252 15.90 -15.54 17.55
CA ASN B 252 15.53 -14.81 18.76
C ASN B 252 16.27 -13.47 18.85
N ARG B 253 17.54 -13.49 18.46
CA ARG B 253 18.34 -12.27 18.49
C ARG B 253 17.83 -11.24 17.49
N CYS B 254 17.34 -11.71 16.34
CA CYS B 254 16.86 -10.82 15.28
C CYS B 254 15.49 -10.24 15.61
N LEU B 255 14.70 -11.01 16.35
CA LEU B 255 13.29 -10.69 16.53
C LEU B 255 12.93 -10.28 17.95
N GLU B 256 13.86 -9.67 18.65
CA GLU B 256 13.59 -9.03 19.91
C GLU B 256 12.73 -7.80 19.71
N MET B 257 11.68 -7.67 20.47
CA MET B 257 10.84 -6.50 20.30
C MET B 257 11.50 -5.24 20.86
N ASP B 258 12.26 -5.41 21.94
CA ASP B 258 13.02 -4.31 22.52
C ASP B 258 14.24 -4.02 21.65
N VAL B 259 14.24 -2.86 21.01
CA VAL B 259 15.28 -2.51 20.04
C VAL B 259 16.69 -2.61 20.61
N GLU B 260 16.84 -2.28 21.88
CA GLU B 260 18.13 -2.32 22.54
C GLU B 260 18.65 -3.74 22.65
N LYS B 261 17.75 -4.68 22.91
CA LYS B 261 18.12 -6.07 23.08
C LYS B 261 18.38 -6.73 21.72
N ARG B 262 17.74 -6.21 20.66
CA ARG B 262 17.88 -6.76 19.31
C ARG B 262 19.31 -6.57 18.82
N GLY B 263 19.85 -7.56 18.11
CA GLY B 263 21.21 -7.49 17.62
C GLY B 263 21.42 -6.44 16.54
N SER B 264 22.64 -5.92 16.45
CA SER B 264 23.02 -5.04 15.35
C SER B 264 23.58 -5.93 14.24
N ALA B 265 23.79 -5.39 13.05
CA ALA B 265 24.37 -6.21 11.99
C ALA B 265 25.76 -6.66 12.41
N LYS B 266 26.54 -5.71 12.92
CA LYS B 266 27.91 -5.99 13.34
C LYS B 266 27.98 -7.13 14.35
N GLU B 267 27.06 -7.14 15.31
CA GLU B 267 27.08 -8.16 16.36
C GLU B 267 26.68 -9.51 15.77
N LEU B 268 25.65 -9.50 14.93
CA LEU B 268 25.12 -10.74 14.37
C LEU B 268 26.09 -11.41 13.40
N ILE B 269 27.02 -10.62 12.86
CA ILE B 269 28.05 -11.16 11.99
C ILE B 269 28.87 -12.21 12.73
N GLN B 270 28.96 -12.04 14.05
CA GLN B 270 29.70 -12.98 14.91
C GLN B 270 28.87 -14.17 15.38
N HIS B 271 27.57 -14.16 15.11
CA HIS B 271 26.71 -15.22 15.65
C HIS B 271 27.15 -16.63 15.21
N GLN B 272 27.01 -17.62 16.10
CA GLN B 272 27.46 -18.98 15.80
C GLN B 272 26.66 -19.62 14.67
N PHE B 273 25.39 -19.23 14.52
CA PHE B 273 24.59 -19.78 13.44
C PHE B 273 25.27 -19.55 12.09
N LEU B 274 25.84 -18.36 11.90
CA LEU B 274 26.50 -18.09 10.62
C LEU B 274 27.66 -19.05 10.34
N LYS B 275 28.22 -19.64 11.38
CA LYS B 275 29.37 -20.52 11.19
C LYS B 275 29.03 -21.89 10.63
N ILE B 276 27.75 -22.23 10.52
CA ILE B 276 27.39 -23.46 9.81
C ILE B 276 27.09 -23.19 8.34
N ALA B 277 27.35 -21.97 7.88
CA ALA B 277 27.07 -21.62 6.49
C ALA B 277 27.84 -22.49 5.50
N LYS B 278 27.13 -23.04 4.52
CA LYS B 278 27.78 -23.73 3.43
C LYS B 278 28.41 -22.69 2.50
N PRO B 279 29.38 -23.10 1.67
CA PRO B 279 29.92 -22.28 0.57
C PRO B 279 28.78 -21.80 -0.31
N LEU B 280 28.94 -20.66 -0.97
CA LEU B 280 27.85 -20.10 -1.75
C LEU B 280 27.50 -21.01 -2.93
N SER B 281 28.44 -21.88 -3.32
CA SER B 281 28.18 -22.80 -4.40
C SER B 281 27.00 -23.73 -4.07
N SER B 282 26.71 -23.89 -2.78
CA SER B 282 25.62 -24.75 -2.31
C SER B 282 24.26 -24.17 -2.68
N LEU B 283 24.23 -22.92 -3.09
CA LEU B 283 22.97 -22.29 -3.50
C LEU B 283 22.63 -22.55 -4.98
N THR B 284 23.63 -22.88 -5.79
CA THR B 284 23.36 -23.03 -7.22
C THR B 284 22.42 -24.19 -7.54
N PRO B 285 22.49 -25.29 -6.78
CA PRO B 285 21.47 -26.30 -7.05
C PRO B 285 20.07 -25.77 -6.74
N LEU B 286 19.93 -24.86 -5.77
CA LEU B 286 18.61 -24.29 -5.46
C LEU B 286 18.10 -23.42 -6.60
N ILE B 287 18.98 -22.61 -7.17
CA ILE B 287 18.65 -21.80 -8.33
C ILE B 287 18.22 -22.70 -9.50
N ALA B 288 18.93 -23.82 -9.68
CA ALA B 288 18.58 -24.72 -10.79
C ALA B 288 17.17 -25.28 -10.61
N ALA B 289 16.85 -25.72 -9.38
CA ALA B 289 15.51 -26.19 -9.07
C ALA B 289 14.45 -25.11 -9.35
N ALA B 290 14.69 -23.91 -8.80
CA ALA B 290 13.72 -22.84 -8.98
C ALA B 290 13.45 -22.50 -10.44
N LYS B 291 14.50 -22.47 -11.25
CA LYS B 291 14.31 -22.13 -12.66
C LYS B 291 13.57 -23.25 -13.39
N GLU B 292 13.85 -24.48 -12.99
CA GLU B 292 13.17 -25.61 -13.59
C GLU B 292 11.68 -25.56 -13.21
N ALA B 293 11.41 -25.20 -11.97
CA ALA B 293 10.06 -25.14 -11.43
C ALA B 293 9.24 -24.04 -12.09
N THR B 294 9.91 -22.96 -12.49
CA THR B 294 9.23 -21.80 -13.02
C THR B 294 9.42 -21.66 -14.53
#